data_2SHK
#
_entry.id   2SHK
#
_cell.length_a   108.500
_cell.length_b   108.500
_cell.length_c   92.800
_cell.angle_alpha   90.00
_cell.angle_beta   90.00
_cell.angle_gamma   90.00
#
_symmetry.space_group_name_H-M   'P 41 21 2'
#
loop_
_entity.id
_entity.type
_entity.pdbx_description
1 polymer 'SHIKIMATE KINASE'
2 non-polymer 'MAGNESIUM ION'
3 non-polymer "ADENOSINE-5'-DIPHOSPHATE"
4 water water
#
_entity_poly.entity_id   1
_entity_poly.type   'polypeptide(L)'
_entity_poly.pdbx_seq_one_letter_code
;MTEPIFMVGARGCGKTTVGRELARALGYEFVDTDIFMQHTSGMTVADVVAAEGWPGFRRRESEALQAVATPNRVVATGGG
MVLLEQNRQFMRAHGTVVYLFAPAEELALRLQASPQAHQRPTLTGRPIAEEMEAVLREREALYQDVAHYVVDATQPPAAI
VCELMQTMRLPAA
;
_entity_poly.pdbx_strand_id   A,B
#
loop_
_chem_comp.id
_chem_comp.type
_chem_comp.name
_chem_comp.formula
ADP non-polymer ADENOSINE-5'-DIPHOSPHATE 'C10 H15 N5 O10 P2'
MG non-polymer 'MAGNESIUM ION' 'Mg 2'
#
# COMPACT_ATOMS: atom_id res chain seq x y z
N MET A 1 -17.16 -0.34 -7.85
CA MET A 1 -17.96 -1.59 -7.63
C MET A 1 -17.17 -2.68 -6.88
N THR A 2 -18.00 -3.49 -6.19
CA THR A 2 -17.46 -4.41 -5.23
C THR A 2 -17.51 -5.88 -5.49
N GLU A 3 -17.60 -6.33 -6.72
CA GLU A 3 -17.50 -7.75 -7.04
C GLU A 3 -16.15 -8.34 -6.65
N PRO A 4 -16.07 -9.62 -6.31
CA PRO A 4 -14.82 -10.28 -5.98
C PRO A 4 -13.81 -10.16 -7.13
N ILE A 5 -12.56 -9.96 -6.77
CA ILE A 5 -11.51 -9.79 -7.76
C ILE A 5 -10.62 -11.03 -7.65
N PHE A 6 -10.60 -11.85 -8.67
CA PHE A 6 -9.80 -13.09 -8.69
C PHE A 6 -8.46 -12.89 -9.40
N MET A 7 -7.38 -13.10 -8.73
CA MET A 7 -6.04 -13.03 -9.33
C MET A 7 -5.66 -14.44 -9.80
N VAL A 8 -5.44 -14.61 -11.11
CA VAL A 8 -5.00 -15.89 -11.65
C VAL A 8 -3.61 -15.72 -12.28
N GLY A 9 -2.95 -16.86 -12.44
CA GLY A 9 -1.59 -16.81 -12.98
C GLY A 9 -0.86 -18.06 -12.56
N ALA A 10 0.29 -18.25 -13.15
CA ALA A 10 1.08 -19.45 -12.79
C ALA A 10 1.97 -19.25 -11.56
N ARG A 11 2.44 -20.36 -11.04
CA ARG A 11 3.35 -20.38 -9.88
C ARG A 11 4.50 -19.43 -10.09
N GLY A 12 4.81 -18.55 -9.16
CA GLY A 12 5.79 -17.49 -9.34
C GLY A 12 5.31 -16.17 -9.91
N CYS A 13 4.03 -15.94 -10.26
CA CYS A 13 3.65 -14.66 -10.84
C CYS A 13 3.30 -13.55 -9.86
N GLY A 14 3.25 -13.85 -8.57
CA GLY A 14 3.04 -12.93 -7.49
C GLY A 14 1.61 -12.66 -7.05
N LYS A 15 0.78 -13.66 -7.28
CA LYS A 15 -0.63 -13.60 -6.93
C LYS A 15 -0.95 -13.18 -5.51
N THR A 16 -0.43 -13.86 -4.48
CA THR A 16 -0.71 -13.54 -3.09
C THR A 16 -0.29 -12.13 -2.70
N THR A 17 0.93 -11.81 -3.09
CA THR A 17 1.53 -10.55 -2.77
C THR A 17 0.80 -9.42 -3.43
N VAL A 18 0.54 -9.53 -4.72
CA VAL A 18 -0.13 -8.45 -5.40
C VAL A 18 -1.60 -8.34 -4.95
N GLY A 19 -2.15 -9.55 -4.82
CA GLY A 19 -3.50 -9.72 -4.31
C GLY A 19 -3.66 -9.05 -2.93
N ARG A 20 -2.71 -9.31 -2.03
CA ARG A 20 -2.82 -8.73 -0.70
C ARG A 20 -2.60 -7.23 -0.76
N GLU A 21 -1.68 -6.77 -1.61
CA GLU A 21 -1.41 -5.35 -1.73
C GLU A 21 -2.58 -4.61 -2.38
N LEU A 22 -3.33 -5.25 -3.30
CA LEU A 22 -4.46 -4.58 -3.94
C LEU A 22 -5.64 -4.44 -3.03
N ALA A 23 -5.84 -5.46 -2.18
CA ALA A 23 -6.90 -5.53 -1.20
C ALA A 23 -6.73 -4.35 -0.23
N ARG A 24 -5.47 -4.09 0.12
CA ARG A 24 -5.22 -3.04 1.11
C ARG A 24 -5.59 -1.71 0.48
N ALA A 25 -5.22 -1.50 -0.76
CA ALA A 25 -5.44 -0.24 -1.40
C ALA A 25 -6.91 0.08 -1.59
N LEU A 26 -7.71 -0.90 -1.78
CA LEU A 26 -9.12 -0.81 -2.04
C LEU A 26 -9.96 -0.92 -0.77
N GLY A 27 -9.37 -1.34 0.28
CA GLY A 27 -10.01 -1.61 1.56
C GLY A 27 -10.78 -2.91 1.50
N TYR A 28 -10.28 -3.91 0.75
CA TYR A 28 -11.03 -5.15 0.65
C TYR A 28 -10.49 -6.18 1.59
N GLU A 29 -11.17 -7.30 1.68
CA GLU A 29 -10.62 -8.45 2.39
C GLU A 29 -9.70 -9.15 1.36
N PHE A 30 -8.84 -10.03 1.87
CA PHE A 30 -7.94 -10.78 1.07
C PHE A 30 -7.87 -12.23 1.51
N VAL A 31 -7.98 -13.19 0.63
CA VAL A 31 -7.97 -14.61 0.85
C VAL A 31 -7.23 -15.30 -0.31
N ASP A 32 -6.43 -16.31 0.02
CA ASP A 32 -5.65 -17.11 -0.90
C ASP A 32 -6.18 -18.53 -0.81
N THR A 33 -6.83 -19.03 -1.83
CA THR A 33 -7.42 -20.36 -1.82
C THR A 33 -6.41 -21.45 -1.44
N ASP A 34 -5.13 -21.41 -1.74
CA ASP A 34 -4.22 -22.46 -1.30
C ASP A 34 -4.03 -22.39 0.20
N ILE A 35 -3.88 -21.16 0.74
CA ILE A 35 -3.66 -20.96 2.16
C ILE A 35 -4.86 -21.38 2.98
N PHE A 36 -6.04 -20.98 2.49
CA PHE A 36 -7.28 -21.38 3.12
C PHE A 36 -7.46 -22.89 3.22
N MET A 37 -7.20 -23.61 2.14
CA MET A 37 -7.26 -25.06 2.09
C MET A 37 -6.35 -25.68 3.15
N GLN A 38 -5.11 -25.18 3.14
CA GLN A 38 -4.15 -25.70 4.13
C GLN A 38 -4.56 -25.49 5.59
N HIS A 39 -5.00 -24.28 5.94
CA HIS A 39 -5.30 -23.93 7.27
C HIS A 39 -6.70 -24.28 7.66
N THR A 40 -7.47 -24.91 6.81
CA THR A 40 -8.80 -25.34 7.18
C THR A 40 -8.85 -26.89 7.16
N SER A 41 -8.19 -27.52 6.22
CA SER A 41 -8.10 -28.96 6.16
C SER A 41 -6.91 -29.49 6.99
N GLY A 42 -5.86 -28.65 7.22
CA GLY A 42 -4.71 -29.21 7.90
C GLY A 42 -3.74 -29.87 6.93
N MET A 43 -4.16 -30.10 5.69
CA MET A 43 -3.36 -30.80 4.72
C MET A 43 -2.69 -29.96 3.65
N THR A 44 -1.50 -30.35 3.26
CA THR A 44 -0.84 -29.74 2.10
C THR A 44 -1.38 -30.37 0.80
N VAL A 45 -0.97 -29.83 -0.33
CA VAL A 45 -1.42 -30.35 -1.63
C VAL A 45 -0.81 -31.73 -1.85
N ALA A 46 0.45 -31.88 -1.38
CA ALA A 46 1.03 -33.25 -1.38
C ALA A 46 0.30 -34.17 -0.44
N ASP A 47 -0.17 -33.69 0.70
CA ASP A 47 -1.01 -34.56 1.51
C ASP A 47 -2.25 -34.94 0.72
N VAL A 48 -3.03 -34.00 0.20
CA VAL A 48 -4.28 -34.21 -0.49
C VAL A 48 -4.13 -35.13 -1.72
N VAL A 49 -3.04 -34.87 -2.48
CA VAL A 49 -2.84 -35.68 -3.68
C VAL A 49 -2.52 -37.12 -3.33
N ALA A 50 -1.57 -37.29 -2.41
CA ALA A 50 -1.25 -38.65 -1.94
C ALA A 50 -2.50 -39.39 -1.50
N ALA A 51 -3.40 -38.77 -0.78
CA ALA A 51 -4.59 -39.48 -0.33
C ALA A 51 -5.70 -39.59 -1.36
N GLU A 52 -5.91 -38.59 -2.25
CA GLU A 52 -7.10 -38.61 -3.11
C GLU A 52 -6.79 -38.26 -4.56
N GLY A 53 -5.49 -38.14 -4.85
CA GLY A 53 -4.96 -37.74 -6.13
C GLY A 53 -5.33 -36.33 -6.56
N TRP A 54 -4.67 -35.81 -7.59
CA TRP A 54 -5.05 -34.59 -8.31
C TRP A 54 -6.53 -34.36 -8.54
N PRO A 55 -7.32 -35.32 -8.92
CA PRO A 55 -8.76 -35.19 -8.99
C PRO A 55 -9.37 -34.81 -7.66
N GLY A 56 -8.98 -35.35 -6.53
CA GLY A 56 -9.59 -34.95 -5.25
C GLY A 56 -9.05 -33.57 -4.88
N PHE A 57 -7.80 -33.23 -5.16
CA PHE A 57 -7.23 -31.94 -4.94
C PHE A 57 -8.02 -30.88 -5.74
N ARG A 58 -8.33 -31.19 -7.00
CA ARG A 58 -9.01 -30.25 -7.88
C ARG A 58 -10.44 -29.93 -7.43
N ARG A 59 -11.10 -30.93 -6.90
CA ARG A 59 -12.46 -30.85 -6.42
C ARG A 59 -12.45 -29.91 -5.21
N ARG A 60 -11.48 -30.18 -4.33
CA ARG A 60 -11.39 -29.46 -3.07
C ARG A 60 -11.09 -27.99 -3.40
N GLU A 61 -10.21 -27.76 -4.37
CA GLU A 61 -9.92 -26.42 -4.81
C GLU A 61 -11.15 -25.72 -5.36
N SER A 62 -11.95 -26.39 -6.19
CA SER A 62 -13.18 -25.78 -6.68
C SER A 62 -14.10 -25.40 -5.52
N GLU A 63 -14.11 -26.22 -4.49
CA GLU A 63 -14.93 -25.98 -3.32
C GLU A 63 -14.46 -24.76 -2.55
N ALA A 64 -13.15 -24.59 -2.46
CA ALA A 64 -12.57 -23.46 -1.79
C ALA A 64 -12.98 -22.20 -2.56
N LEU A 65 -12.86 -22.30 -3.90
CA LEU A 65 -13.21 -21.14 -4.70
C LEU A 65 -14.61 -20.63 -4.35
N GLN A 66 -15.58 -21.52 -4.40
CA GLN A 66 -16.95 -21.17 -4.08
C GLN A 66 -17.07 -20.72 -2.64
N ALA A 67 -16.29 -21.31 -1.72
CA ALA A 67 -16.43 -20.93 -0.31
C ALA A 67 -15.97 -19.50 0.00
N VAL A 68 -14.85 -19.04 -0.53
CA VAL A 68 -14.24 -17.77 -0.30
C VAL A 68 -14.74 -16.66 -1.19
N ALA A 69 -15.44 -17.02 -2.28
CA ALA A 69 -15.88 -15.92 -3.16
C ALA A 69 -16.91 -15.06 -2.44
N THR A 70 -16.67 -13.77 -2.41
CA THR A 70 -17.62 -12.80 -1.89
C THR A 70 -17.20 -11.35 -2.24
N PRO A 71 -18.14 -10.42 -2.29
CA PRO A 71 -17.88 -9.05 -2.64
C PRO A 71 -16.95 -8.41 -1.63
N ASN A 72 -16.27 -7.39 -2.03
CA ASN A 72 -15.31 -6.61 -1.33
C ASN A 72 -14.18 -7.49 -0.85
N ARG A 73 -13.78 -8.42 -1.71
CA ARG A 73 -12.70 -9.35 -1.42
C ARG A 73 -11.85 -9.67 -2.65
N VAL A 74 -10.56 -9.62 -2.47
CA VAL A 74 -9.63 -10.06 -3.47
C VAL A 74 -9.25 -11.52 -3.13
N VAL A 75 -9.37 -12.41 -4.08
CA VAL A 75 -9.02 -13.82 -3.91
C VAL A 75 -7.83 -14.25 -4.76
N ALA A 76 -6.72 -14.62 -4.22
CA ALA A 76 -5.57 -15.12 -5.00
C ALA A 76 -5.90 -16.60 -5.19
N THR A 77 -5.75 -17.16 -6.36
CA THR A 77 -6.09 -18.56 -6.63
C THR A 77 -4.85 -19.36 -6.88
N GLY A 78 -4.86 -20.67 -6.70
CA GLY A 78 -3.69 -21.50 -7.05
C GLY A 78 -3.54 -21.48 -8.57
N GLY A 79 -2.33 -21.74 -9.02
CA GLY A 79 -1.94 -21.79 -10.41
C GLY A 79 -2.78 -22.67 -11.34
N GLY A 80 -3.37 -23.74 -10.82
CA GLY A 80 -4.10 -24.65 -11.70
C GLY A 80 -5.60 -24.63 -11.43
N MET A 81 -5.98 -23.43 -10.95
CA MET A 81 -7.40 -23.19 -10.64
C MET A 81 -8.14 -23.03 -11.96
N VAL A 82 -7.39 -22.70 -13.00
CA VAL A 82 -7.95 -22.48 -14.33
C VAL A 82 -7.98 -23.76 -15.14
N LEU A 83 -7.62 -24.94 -14.62
CA LEU A 83 -7.73 -26.10 -15.49
C LEU A 83 -9.19 -26.50 -15.67
N LEU A 84 -10.04 -26.40 -14.67
CA LEU A 84 -11.42 -26.83 -14.72
C LEU A 84 -12.33 -25.78 -15.31
N GLU A 85 -13.04 -26.04 -16.38
CA GLU A 85 -13.90 -25.07 -16.97
C GLU A 85 -14.89 -24.51 -15.96
N GLN A 86 -15.43 -25.31 -15.08
CA GLN A 86 -16.41 -24.86 -14.11
C GLN A 86 -15.83 -23.73 -13.24
N ASN A 87 -14.52 -23.79 -12.98
CA ASN A 87 -13.85 -22.80 -12.19
C ASN A 87 -13.70 -21.48 -12.97
N ARG A 88 -13.33 -21.68 -14.24
CA ARG A 88 -13.22 -20.50 -15.11
C ARG A 88 -14.55 -19.81 -15.24
N GLN A 89 -15.65 -20.56 -15.35
CA GLN A 89 -16.93 -19.90 -15.44
C GLN A 89 -17.30 -19.18 -14.15
N PHE A 90 -17.06 -19.84 -13.02
CA PHE A 90 -17.42 -19.31 -11.71
C PHE A 90 -16.76 -17.95 -11.55
N MET A 91 -15.47 -17.78 -11.90
CA MET A 91 -14.78 -16.53 -11.72
C MET A 91 -15.31 -15.44 -12.60
N ARG A 92 -15.47 -15.68 -13.91
CA ARG A 92 -16.06 -14.57 -14.71
C ARG A 92 -17.47 -14.23 -14.23
N ALA A 93 -18.23 -15.23 -13.85
CA ALA A 93 -19.58 -14.97 -13.34
C ALA A 93 -19.57 -14.17 -12.05
N HIS A 94 -19.07 -14.68 -10.94
CA HIS A 94 -19.06 -13.95 -9.70
C HIS A 94 -18.27 -12.65 -9.66
N GLY A 95 -17.15 -12.58 -10.38
CA GLY A 95 -16.37 -11.33 -10.22
C GLY A 95 -15.72 -10.91 -11.55
N THR A 96 -14.61 -10.24 -11.36
CA THR A 96 -13.67 -9.77 -12.35
C THR A 96 -12.32 -10.47 -12.16
N VAL A 97 -11.68 -10.94 -13.24
CA VAL A 97 -10.48 -11.73 -13.13
C VAL A 97 -9.27 -11.04 -13.69
N VAL A 98 -8.19 -11.09 -12.94
CA VAL A 98 -6.96 -10.45 -13.38
C VAL A 98 -5.87 -11.55 -13.53
N TYR A 99 -5.18 -11.48 -14.65
CA TYR A 99 -4.11 -12.46 -14.91
C TYR A 99 -2.75 -11.78 -14.74
N LEU A 100 -1.96 -12.31 -13.82
CA LEU A 100 -0.61 -11.69 -13.69
C LEU A 100 0.30 -12.45 -14.65
N PHE A 101 0.68 -11.83 -15.74
CA PHE A 101 1.49 -12.50 -16.74
C PHE A 101 2.97 -12.16 -16.71
N ALA A 102 3.73 -13.24 -16.74
CA ALA A 102 5.16 -13.22 -16.78
C ALA A 102 5.60 -14.39 -17.65
N PRO A 103 6.55 -14.17 -18.52
CA PRO A 103 7.17 -15.23 -19.29
C PRO A 103 7.88 -16.20 -18.35
N ALA A 104 7.94 -17.44 -18.76
CA ALA A 104 8.50 -18.55 -18.00
C ALA A 104 9.89 -18.32 -17.41
N GLU A 105 10.74 -17.66 -18.16
CA GLU A 105 12.06 -17.24 -17.79
C GLU A 105 11.91 -16.55 -16.44
N GLU A 106 11.14 -15.46 -16.43
CA GLU A 106 10.93 -14.68 -15.21
C GLU A 106 10.13 -15.43 -14.18
N LEU A 107 9.25 -16.37 -14.52
CA LEU A 107 8.52 -17.11 -13.49
C LEU A 107 9.49 -18.01 -12.74
N ALA A 108 10.43 -18.61 -13.46
CA ALA A 108 11.51 -19.46 -13.01
C ALA A 108 12.46 -18.71 -12.09
N LEU A 109 12.99 -17.58 -12.55
CA LEU A 109 13.81 -16.72 -11.71
C LEU A 109 13.19 -16.34 -10.37
N ARG A 110 11.88 -16.32 -10.18
CA ARG A 110 11.25 -16.00 -8.92
C ARG A 110 11.26 -17.24 -8.01
N LEU A 111 12.12 -17.10 -7.00
CA LEU A 111 12.44 -18.05 -5.97
C LEU A 111 12.78 -17.40 -4.61
N GLN A 112 11.79 -17.36 -3.71
CA GLN A 112 11.95 -16.80 -2.37
C GLN A 112 11.95 -17.90 -1.29
N ILE A 128 12.96 -26.13 -13.70
CA ILE A 128 12.06 -25.07 -13.28
C ILE A 128 11.79 -24.05 -14.38
N ALA A 129 12.74 -23.69 -15.24
CA ALA A 129 12.46 -22.77 -16.34
C ALA A 129 11.90 -23.55 -17.54
N GLU A 130 12.10 -24.86 -17.52
CA GLU A 130 11.69 -25.84 -18.50
C GLU A 130 10.31 -26.37 -18.14
N GLU A 131 10.03 -26.29 -16.83
CA GLU A 131 8.79 -26.72 -16.23
C GLU A 131 7.78 -25.57 -16.31
N MET A 132 8.26 -24.35 -16.12
CA MET A 132 7.43 -23.16 -16.20
C MET A 132 7.00 -22.92 -17.63
N GLU A 133 7.88 -23.25 -18.55
CA GLU A 133 7.70 -23.21 -19.99
C GLU A 133 6.60 -24.16 -20.47
N ALA A 134 6.60 -25.34 -19.91
CA ALA A 134 5.59 -26.33 -20.23
C ALA A 134 4.27 -26.07 -19.52
N VAL A 135 4.30 -25.39 -18.37
CA VAL A 135 3.09 -25.00 -17.62
C VAL A 135 2.37 -23.98 -18.52
N LEU A 136 3.16 -23.01 -18.98
CA LEU A 136 2.61 -21.99 -19.87
C LEU A 136 2.22 -22.56 -21.21
N ARG A 137 2.69 -23.72 -21.65
CA ARG A 137 2.25 -24.24 -22.95
C ARG A 137 0.84 -24.76 -22.67
N GLU A 138 0.65 -25.38 -21.54
CA GLU A 138 -0.63 -25.94 -21.14
C GLU A 138 -1.66 -24.85 -20.80
N ARG A 139 -1.33 -23.91 -19.93
CA ARG A 139 -2.21 -22.98 -19.31
C ARG A 139 -2.31 -21.56 -19.81
N GLU A 140 -1.31 -20.95 -20.44
CA GLU A 140 -1.32 -19.60 -20.95
C GLU A 140 -2.66 -19.22 -21.54
N ALA A 141 -3.17 -20.08 -22.38
CA ALA A 141 -4.42 -19.90 -23.08
C ALA A 141 -5.59 -19.92 -22.12
N LEU A 142 -5.51 -20.68 -21.06
CA LEU A 142 -6.57 -20.74 -20.05
C LEU A 142 -6.54 -19.49 -19.14
N TYR A 143 -5.36 -18.94 -18.91
CA TYR A 143 -5.17 -17.73 -18.20
C TYR A 143 -5.83 -16.60 -18.99
N GLN A 144 -5.67 -16.59 -20.29
CA GLN A 144 -6.18 -15.55 -21.17
C GLN A 144 -7.70 -15.63 -21.31
N ASP A 145 -8.15 -16.88 -21.36
CA ASP A 145 -9.58 -17.11 -21.53
C ASP A 145 -10.41 -16.61 -20.34
N VAL A 146 -9.82 -16.83 -19.18
CA VAL A 146 -10.51 -16.50 -17.97
C VAL A 146 -10.32 -15.05 -17.59
N ALA A 147 -9.24 -14.38 -17.95
CA ALA A 147 -9.02 -13.00 -17.63
C ALA A 147 -9.81 -11.94 -18.40
N HIS A 148 -10.17 -10.90 -17.64
CA HIS A 148 -10.87 -9.72 -18.06
C HIS A 148 -9.78 -8.67 -18.36
N TYR A 149 -8.79 -8.65 -17.45
CA TYR A 149 -7.65 -7.75 -17.51
C TYR A 149 -6.34 -8.52 -17.48
N VAL A 150 -5.36 -8.11 -18.25
CA VAL A 150 -4.08 -8.87 -18.18
C VAL A 150 -3.01 -7.86 -17.81
N VAL A 151 -2.18 -8.09 -16.83
CA VAL A 151 -1.22 -7.05 -16.43
C VAL A 151 0.19 -7.61 -16.33
N ASP A 152 1.16 -6.76 -16.71
CA ASP A 152 2.56 -7.14 -16.71
C ASP A 152 2.98 -7.50 -15.28
N ALA A 153 3.11 -8.79 -15.01
CA ALA A 153 3.49 -9.17 -13.65
C ALA A 153 4.94 -8.95 -13.27
N THR A 154 5.79 -8.46 -14.17
CA THR A 154 7.20 -8.32 -13.83
C THR A 154 7.46 -7.00 -13.13
N GLN A 155 6.50 -6.09 -13.14
CA GLN A 155 6.72 -4.91 -12.32
C GLN A 155 6.66 -5.24 -10.82
N PRO A 156 7.08 -4.23 -10.05
CA PRO A 156 6.94 -4.25 -8.58
C PRO A 156 5.46 -4.28 -8.21
N PRO A 157 5.13 -4.93 -7.11
CA PRO A 157 3.73 -5.07 -6.68
C PRO A 157 2.98 -3.77 -6.59
N ALA A 158 3.55 -2.72 -6.03
CA ALA A 158 2.89 -1.45 -5.88
C ALA A 158 2.47 -0.84 -7.20
N ALA A 159 3.35 -1.00 -8.17
CA ALA A 159 3.11 -0.54 -9.54
C ALA A 159 1.94 -1.29 -10.15
N ILE A 160 1.80 -2.60 -9.98
CA ILE A 160 0.67 -3.36 -10.50
C ILE A 160 -0.64 -2.93 -9.84
N VAL A 161 -0.56 -2.66 -8.52
CA VAL A 161 -1.73 -2.20 -7.79
C VAL A 161 -2.25 -0.90 -8.37
N CYS A 162 -1.33 -0.01 -8.66
CA CYS A 162 -1.62 1.30 -9.26
C CYS A 162 -2.18 1.13 -10.66
N GLU A 163 -1.54 0.28 -11.47
CA GLU A 163 -2.03 0.08 -12.83
C GLU A 163 -3.43 -0.51 -12.85
N LEU A 164 -3.66 -1.47 -11.93
CA LEU A 164 -4.96 -2.12 -11.80
C LEU A 164 -5.98 -1.14 -11.31
N MET A 165 -5.69 -0.26 -10.34
CA MET A 165 -6.77 0.72 -10.01
C MET A 165 -7.17 1.58 -11.18
N GLN A 166 -6.23 1.94 -12.05
CA GLN A 166 -6.46 2.77 -13.22
C GLN A 166 -7.24 2.01 -14.30
N THR A 167 -6.72 0.80 -14.59
CA THR A 167 -7.40 0.05 -15.64
C THR A 167 -8.79 -0.40 -15.29
N MET A 168 -8.99 -0.87 -14.06
CA MET A 168 -10.24 -1.40 -13.64
C MET A 168 -11.15 -0.29 -13.16
N ARG A 169 -10.68 0.95 -13.10
CA ARG A 169 -11.46 2.04 -12.51
C ARG A 169 -11.94 1.79 -11.09
N LEU A 170 -11.08 1.42 -10.20
CA LEU A 170 -11.38 1.16 -8.80
C LEU A 170 -10.84 2.33 -7.97
N PRO A 171 -11.73 2.82 -7.11
CA PRO A 171 -11.41 3.88 -6.15
C PRO A 171 -10.60 3.28 -5.01
N ALA A 172 -9.81 4.10 -4.34
CA ALA A 172 -9.09 3.59 -3.17
C ALA A 172 -9.90 3.75 -1.88
N ALA A 173 -9.62 2.94 -0.87
CA ALA A 173 -10.23 2.95 0.45
C ALA A 173 -10.29 4.36 1.06
N MET B 1 15.26 6.01 -5.40
CA MET B 1 16.47 6.13 -4.57
C MET B 1 16.28 5.70 -3.11
N THR B 2 17.17 6.23 -2.28
CA THR B 2 17.29 5.78 -0.89
C THR B 2 17.36 6.91 0.17
N GLU B 3 17.18 8.15 -0.24
CA GLU B 3 17.24 9.28 0.71
C GLU B 3 15.92 9.42 1.49
N PRO B 4 15.95 9.89 2.75
CA PRO B 4 14.73 10.02 3.54
C PRO B 4 13.73 10.94 2.87
N ILE B 5 12.49 10.47 2.90
CA ILE B 5 11.34 11.21 2.36
C ILE B 5 10.56 11.83 3.53
N PHE B 6 10.47 13.14 3.54
CA PHE B 6 9.75 13.84 4.63
C PHE B 6 8.34 14.23 4.20
N MET B 7 7.37 13.85 5.03
CA MET B 7 5.96 14.22 4.81
C MET B 7 5.65 15.43 5.68
N VAL B 8 5.16 16.47 5.04
CA VAL B 8 4.82 17.70 5.79
C VAL B 8 3.44 18.18 5.43
N GLY B 9 2.95 19.04 6.32
CA GLY B 9 1.65 19.68 6.11
C GLY B 9 0.92 19.86 7.42
N ALA B 10 -0.27 20.40 7.41
CA ALA B 10 -0.95 20.67 8.68
C ALA B 10 -1.74 19.47 9.21
N ARG B 11 -2.07 19.57 10.51
CA ARG B 11 -2.85 18.59 11.24
C ARG B 11 -4.06 18.18 10.41
N GLY B 12 -4.26 16.89 10.25
CA GLY B 12 -5.39 16.39 9.45
C GLY B 12 -5.06 16.15 7.99
N CYS B 13 -3.92 16.62 7.50
CA CYS B 13 -3.52 16.39 6.12
C CYS B 13 -3.17 14.93 5.85
N GLY B 14 -3.07 14.01 6.77
CA GLY B 14 -2.74 12.63 6.61
C GLY B 14 -1.29 12.20 6.63
N LYS B 15 -0.33 13.02 6.95
CA LYS B 15 1.04 12.61 7.12
C LYS B 15 1.29 11.21 7.64
N THR B 16 0.75 10.79 8.75
CA THR B 16 1.01 9.43 9.24
C THR B 16 0.45 8.33 8.35
N THR B 17 -0.81 8.44 7.98
CA THR B 17 -1.59 7.49 7.21
C THR B 17 -1.03 7.24 5.83
N VAL B 18 -0.84 8.40 5.19
CA VAL B 18 -0.23 8.41 3.86
C VAL B 18 1.25 8.04 3.99
N GLY B 19 1.93 8.49 5.03
CA GLY B 19 3.33 8.12 5.16
C GLY B 19 3.52 6.61 5.28
N ARG B 20 2.78 5.96 6.18
CA ARG B 20 2.82 4.49 6.32
C ARG B 20 2.48 3.82 4.97
N GLU B 21 1.44 4.24 4.24
CA GLU B 21 1.11 3.60 2.97
C GLU B 21 2.26 3.76 2.00
N LEU B 22 2.89 4.92 1.98
CA LEU B 22 4.00 5.11 1.07
C LEU B 22 5.19 4.21 1.42
N ALA B 23 5.50 4.12 2.70
CA ALA B 23 6.57 3.27 3.19
C ALA B 23 6.36 1.82 2.79
N ARG B 24 5.15 1.38 3.08
CA ARG B 24 4.68 0.05 2.76
C ARG B 24 4.83 -0.20 1.27
N ALA B 25 4.35 0.68 0.43
CA ALA B 25 4.50 0.50 -1.00
C ALA B 25 5.96 0.44 -1.39
N LEU B 26 6.86 1.15 -0.72
CA LEU B 26 8.24 1.15 -1.18
C LEU B 26 9.11 0.07 -0.54
N GLY B 27 8.57 -0.52 0.53
CA GLY B 27 9.32 -1.50 1.30
C GLY B 27 10.28 -0.74 2.24
N TYR B 28 9.90 0.48 2.64
CA TYR B 28 10.79 1.34 3.42
C TYR B 28 10.38 1.36 4.88
N GLU B 29 11.24 1.77 5.78
CA GLU B 29 10.79 1.94 7.16
C GLU B 29 9.96 3.23 7.29
N PHE B 30 8.98 3.26 8.18
CA PHE B 30 8.21 4.45 8.46
C PHE B 30 8.55 5.00 9.84
N VAL B 31 8.67 6.27 10.07
CA VAL B 31 8.77 6.88 11.37
C VAL B 31 7.88 8.12 11.41
N ASP B 32 7.33 8.40 12.58
CA ASP B 32 6.56 9.57 12.92
C ASP B 32 7.35 10.28 14.00
N THR B 33 7.68 11.54 13.94
CA THR B 33 8.49 12.27 14.87
C THR B 33 7.79 12.45 16.20
N ASP B 34 6.49 12.67 16.28
CA ASP B 34 5.78 12.76 17.55
C ASP B 34 5.92 11.43 18.30
N ILE B 35 5.74 10.31 17.61
CA ILE B 35 5.89 9.00 18.23
C ILE B 35 7.35 8.76 18.60
N PHE B 36 8.27 9.10 17.69
CA PHE B 36 9.68 8.95 18.07
C PHE B 36 9.97 9.68 19.36
N MET B 37 9.55 10.92 19.50
CA MET B 37 9.80 11.75 20.67
C MET B 37 9.24 11.14 21.94
N GLN B 38 8.01 10.66 21.81
CA GLN B 38 7.36 9.98 22.92
C GLN B 38 8.26 8.90 23.50
N HIS B 39 8.46 7.83 22.74
CA HIS B 39 9.30 6.71 23.08
C HIS B 39 10.74 7.04 23.46
N THR B 40 11.52 7.88 22.82
CA THR B 40 12.88 8.08 23.30
C THR B 40 12.99 8.96 24.54
N SER B 41 11.96 9.64 25.00
CA SER B 41 12.10 10.47 26.20
C SER B 41 11.24 9.91 27.33
N GLY B 42 10.07 9.37 27.00
CA GLY B 42 9.13 8.87 27.98
C GLY B 42 8.12 9.93 28.40
N MET B 43 8.33 11.16 27.95
CA MET B 43 7.48 12.31 28.22
C MET B 43 6.49 12.50 27.07
N THR B 44 5.24 12.74 27.41
CA THR B 44 4.25 13.05 26.36
C THR B 44 4.53 14.52 26.04
N VAL B 45 3.97 15.08 24.98
CA VAL B 45 4.08 16.52 24.72
C VAL B 45 3.82 17.33 26.00
N ALA B 46 2.71 17.01 26.64
CA ALA B 46 2.21 17.58 27.87
C ALA B 46 3.24 17.58 29.00
N ASP B 47 4.01 16.51 29.14
CA ASP B 47 5.04 16.52 30.18
C ASP B 47 6.11 17.57 29.85
N VAL B 48 6.50 17.68 28.60
CA VAL B 48 7.55 18.54 28.09
C VAL B 48 7.19 20.04 28.16
N VAL B 49 5.96 20.23 27.73
CA VAL B 49 5.35 21.55 27.71
C VAL B 49 5.35 22.07 29.14
N ALA B 50 4.85 21.29 30.10
CA ALA B 50 4.79 21.64 31.50
C ALA B 50 6.15 22.17 31.94
N ALA B 51 7.21 21.44 31.64
CA ALA B 51 8.53 21.88 32.05
C ALA B 51 9.20 22.98 31.26
N GLU B 52 9.07 23.01 29.93
CA GLU B 52 9.88 23.93 29.13
C GLU B 52 9.02 24.59 28.09
N GLY B 53 7.72 24.43 28.21
CA GLY B 53 6.82 25.09 27.25
C GLY B 53 6.98 24.57 25.82
N TRP B 54 6.26 25.29 24.92
CA TRP B 54 6.30 24.93 23.51
C TRP B 54 7.64 25.12 22.88
N PRO B 55 8.40 26.13 23.24
CA PRO B 55 9.75 26.30 22.74
C PRO B 55 10.56 25.07 23.06
N GLY B 56 10.31 24.36 24.12
CA GLY B 56 11.04 23.17 24.54
C GLY B 56 10.75 21.97 23.63
N PHE B 57 9.49 21.80 23.33
CA PHE B 57 8.94 20.76 22.49
C PHE B 57 9.51 20.96 21.10
N ARG B 58 9.52 22.20 20.60
CA ARG B 58 10.16 22.49 19.33
C ARG B 58 11.63 22.09 19.31
N ARG B 59 12.36 22.34 20.38
CA ARG B 59 13.79 22.03 20.46
C ARG B 59 14.06 20.54 20.33
N ARG B 60 13.22 19.78 21.05
CA ARG B 60 13.29 18.33 21.06
C ARG B 60 12.82 17.68 19.76
N GLU B 61 11.89 18.34 19.08
CA GLU B 61 11.33 18.00 17.80
C GLU B 61 12.38 18.14 16.70
N SER B 62 13.23 19.14 16.80
CA SER B 62 14.26 19.44 15.85
C SER B 62 15.38 18.43 15.89
N GLU B 63 15.56 18.00 17.13
CA GLU B 63 16.57 17.02 17.48
C GLU B 63 16.13 15.66 16.91
N ALA B 64 14.84 15.38 17.09
CA ALA B 64 14.30 14.09 16.67
C ALA B 64 14.32 13.92 15.14
N LEU B 65 14.13 15.09 14.50
CA LEU B 65 14.06 15.19 13.06
C LEU B 65 15.40 14.76 12.53
N GLN B 66 16.45 15.27 13.15
CA GLN B 66 17.82 14.87 12.81
C GLN B 66 18.10 13.43 13.23
N ALA B 67 17.48 12.86 14.23
CA ALA B 67 17.77 11.52 14.68
C ALA B 67 17.22 10.46 13.70
N VAL B 68 15.99 10.65 13.21
CA VAL B 68 15.25 9.77 12.38
C VAL B 68 15.48 9.90 10.87
N ALA B 69 16.27 10.87 10.40
CA ALA B 69 16.47 11.09 8.99
C ALA B 69 17.54 10.24 8.34
N THR B 70 17.14 9.01 8.04
CA THR B 70 18.03 8.02 7.46
C THR B 70 17.40 7.44 6.21
N PRO B 71 18.22 6.76 5.45
CA PRO B 71 17.83 6.11 4.21
C PRO B 71 16.71 5.11 4.29
N ASN B 72 15.95 5.07 3.21
CA ASN B 72 14.85 4.19 2.94
C ASN B 72 13.91 4.26 4.13
N ARG B 73 13.49 5.48 4.35
CA ARG B 73 12.59 5.79 5.45
C ARG B 73 11.67 6.90 4.98
N VAL B 74 10.43 6.74 5.37
CA VAL B 74 9.45 7.78 5.15
C VAL B 74 9.21 8.35 6.57
N VAL B 75 9.51 9.62 6.75
CA VAL B 75 9.38 10.38 7.96
C VAL B 75 8.15 11.28 7.94
N ALA B 76 7.21 11.00 8.86
CA ALA B 76 6.03 11.85 9.00
C ALA B 76 6.35 12.93 10.02
N THR B 77 6.10 14.20 9.75
CA THR B 77 6.47 15.23 10.75
C THR B 77 5.23 15.87 11.38
N GLY B 78 5.43 16.43 12.57
CA GLY B 78 4.36 17.15 13.29
C GLY B 78 4.07 18.45 12.52
N GLY B 79 2.86 18.96 12.68
CA GLY B 79 2.39 20.16 11.94
C GLY B 79 3.41 21.32 11.95
N GLY B 80 3.70 21.73 13.17
CA GLY B 80 4.58 22.88 13.50
C GLY B 80 6.02 22.74 13.02
N MET B 81 6.42 21.54 12.69
CA MET B 81 7.79 21.25 12.21
C MET B 81 8.30 22.35 11.28
N VAL B 82 7.49 22.86 10.35
CA VAL B 82 7.96 23.86 9.45
C VAL B 82 8.06 25.25 10.04
N LEU B 83 7.77 25.55 11.30
CA LEU B 83 7.93 26.97 11.72
C LEU B 83 9.38 27.41 11.82
N LEU B 84 10.26 26.50 12.19
CA LEU B 84 11.68 26.77 12.31
C LEU B 84 12.47 26.64 11.05
N GLU B 85 13.33 27.55 10.75
CA GLU B 85 14.09 27.63 9.53
C GLU B 85 15.05 26.45 9.41
N GLN B 86 15.58 26.16 10.59
CA GLN B 86 16.53 25.08 10.82
C GLN B 86 15.90 23.77 10.37
N ASN B 87 14.64 23.55 10.74
CA ASN B 87 13.91 22.37 10.34
C ASN B 87 13.71 22.34 8.83
N ARG B 88 13.40 23.50 8.23
CA ARG B 88 13.21 23.56 6.78
C ARG B 88 14.53 23.29 6.05
N GLN B 89 15.60 23.96 6.45
CA GLN B 89 16.93 23.78 5.85
C GLN B 89 17.30 22.30 5.99
N PHE B 90 17.12 21.71 7.17
CA PHE B 90 17.48 20.34 7.45
C PHE B 90 16.86 19.35 6.49
N MET B 91 15.56 19.41 6.28
CA MET B 91 14.77 18.51 5.51
C MET B 91 15.18 18.57 4.07
N ARG B 92 15.27 19.76 3.47
CA ARG B 92 15.70 19.77 2.07
C ARG B 92 17.16 19.37 1.92
N ALA B 93 17.98 19.54 2.95
CA ALA B 93 19.38 19.24 2.75
C ALA B 93 19.74 17.82 3.15
N HIS B 94 18.80 16.95 3.47
CA HIS B 94 19.05 15.60 3.90
C HIS B 94 18.11 14.67 3.16
N GLY B 95 17.01 15.18 2.66
CA GLY B 95 16.07 14.28 2.03
C GLY B 95 15.23 15.07 1.00
N THR B 96 14.10 14.38 0.70
CA THR B 96 13.12 14.91 -0.25
C THR B 96 11.82 15.20 0.49
N VAL B 97 11.22 16.34 0.18
CA VAL B 97 10.06 16.76 0.94
C VAL B 97 8.77 16.75 0.17
N VAL B 98 7.74 16.14 0.76
CA VAL B 98 6.43 16.08 0.16
C VAL B 98 5.46 16.87 1.02
N TYR B 99 4.70 17.75 0.36
CA TYR B 99 3.69 18.55 1.02
C TYR B 99 2.33 17.95 0.66
N LEU B 100 1.63 17.47 1.67
CA LEU B 100 0.29 16.92 1.56
C LEU B 100 -0.70 18.08 1.73
N PHE B 101 -1.10 18.69 0.64
CA PHE B 101 -2.02 19.80 0.67
C PHE B 101 -3.46 19.34 0.77
N ALA B 102 -4.20 20.16 1.47
CA ALA B 102 -5.62 20.02 1.70
C ALA B 102 -6.13 21.35 2.28
N PRO B 103 -7.31 21.71 1.83
CA PRO B 103 -8.00 22.89 2.32
C PRO B 103 -8.40 22.76 3.80
N ALA B 104 -8.47 23.90 4.48
CA ALA B 104 -8.81 24.06 5.88
C ALA B 104 -10.12 23.40 6.29
N GLU B 105 -11.16 23.63 5.49
CA GLU B 105 -12.44 22.96 5.57
C GLU B 105 -12.30 21.44 5.72
N GLU B 106 -11.55 20.86 4.78
CA GLU B 106 -11.22 19.46 4.78
C GLU B 106 -10.35 19.07 5.98
N LEU B 107 -9.40 19.89 6.39
CA LEU B 107 -8.57 19.60 7.56
C LEU B 107 -9.40 19.58 8.85
N ALA B 108 -10.38 20.49 8.89
CA ALA B 108 -11.30 20.57 10.04
C ALA B 108 -12.30 19.43 9.98
N LEU B 109 -12.84 19.02 8.81
CA LEU B 109 -13.72 17.85 8.77
C LEU B 109 -12.99 16.68 9.41
N ARG B 110 -11.71 16.49 9.20
CA ARG B 110 -10.88 15.51 9.90
C ARG B 110 -10.59 16.02 11.33
N LEU B 111 -11.34 15.46 12.26
CA LEU B 111 -11.44 15.80 13.67
C LEU B 111 -11.69 14.50 14.46
N GLN B 112 -12.29 13.57 13.73
CA GLN B 112 -12.67 12.23 14.11
C GLN B 112 -11.46 11.33 14.31
N LEU B 123 -2.30 22.59 19.27
CA LEU B 123 -2.19 24.04 19.52
C LEU B 123 -3.56 24.62 19.06
N THR B 124 -4.58 24.30 19.86
CA THR B 124 -6.02 24.62 19.57
C THR B 124 -6.42 26.07 19.89
N GLY B 125 -7.57 26.44 19.28
CA GLY B 125 -8.20 27.77 19.42
C GLY B 125 -9.46 27.91 18.52
N ARG B 126 -10.51 28.46 19.12
CA ARG B 126 -11.80 28.82 18.51
C ARG B 126 -12.36 27.64 17.73
N PRO B 127 -13.30 27.92 16.74
CA PRO B 127 -13.85 27.02 15.73
C PRO B 127 -12.76 26.37 14.93
N ILE B 128 -12.71 25.07 15.12
CA ILE B 128 -11.76 24.18 14.44
C ILE B 128 -11.43 24.66 13.03
N ALA B 129 -12.50 24.86 12.27
CA ALA B 129 -12.41 25.27 10.86
C ALA B 129 -11.72 26.64 10.69
N GLU B 130 -12.06 27.57 11.57
CA GLU B 130 -11.53 28.95 11.52
C GLU B 130 -10.05 29.01 11.95
N GLU B 131 -9.69 28.12 12.85
CA GLU B 131 -8.31 28.02 13.33
C GLU B 131 -7.43 27.48 12.21
N MET B 132 -7.90 26.39 11.64
CA MET B 132 -7.19 25.72 10.54
C MET B 132 -7.08 26.64 9.35
N GLU B 133 -8.05 27.51 9.14
CA GLU B 133 -7.97 28.42 8.03
C GLU B 133 -6.81 29.39 8.19
N ALA B 134 -6.70 29.88 9.43
CA ALA B 134 -5.71 30.88 9.76
C ALA B 134 -4.32 30.24 9.77
N VAL B 135 -4.23 29.07 10.38
CA VAL B 135 -3.00 28.27 10.35
C VAL B 135 -2.51 28.13 8.92
N LEU B 136 -3.32 27.60 8.02
CA LEU B 136 -3.00 27.50 6.62
C LEU B 136 -2.69 28.80 5.91
N ARG B 137 -3.38 29.87 6.22
CA ARG B 137 -3.17 31.15 5.58
C ARG B 137 -1.75 31.59 5.88
N GLU B 138 -1.27 31.42 7.09
CA GLU B 138 0.07 31.87 7.39
C GLU B 138 1.13 30.86 7.02
N ARG B 139 0.87 29.56 7.14
CA ARG B 139 1.91 28.56 6.92
C ARG B 139 2.10 27.96 5.54
N GLU B 140 1.18 28.11 4.64
CA GLU B 140 1.16 27.69 3.26
C GLU B 140 2.43 28.12 2.52
N ALA B 141 2.92 29.36 2.76
CA ALA B 141 4.16 29.71 2.04
C ALA B 141 5.33 28.84 2.54
N LEU B 142 5.30 28.50 3.81
CA LEU B 142 6.28 27.65 4.43
C LEU B 142 6.22 26.20 3.93
N TYR B 143 5.05 25.63 3.78
CA TYR B 143 4.91 24.30 3.20
C TYR B 143 5.46 24.25 1.78
N GLN B 144 5.09 25.32 1.06
CA GLN B 144 5.49 25.44 -0.32
C GLN B 144 6.98 25.62 -0.45
N ASP B 145 7.54 26.39 0.47
CA ASP B 145 8.97 26.64 0.41
C ASP B 145 9.83 25.41 0.60
N VAL B 146 9.46 24.57 1.54
CA VAL B 146 10.20 23.41 1.96
C VAL B 146 9.93 22.27 1.00
N ALA B 147 8.74 22.25 0.41
CA ALA B 147 8.38 21.14 -0.43
C ALA B 147 9.11 21.06 -1.78
N HIS B 148 9.47 19.80 -2.07
CA HIS B 148 10.00 19.48 -3.40
C HIS B 148 8.82 19.12 -4.32
N TYR B 149 7.84 18.41 -3.81
CA TYR B 149 6.62 17.93 -4.42
C TYR B 149 5.39 18.23 -3.59
N VAL B 150 4.30 18.57 -4.19
CA VAL B 150 3.05 18.94 -3.60
C VAL B 150 2.01 18.03 -4.22
N VAL B 151 1.11 17.51 -3.43
CA VAL B 151 0.08 16.61 -3.84
C VAL B 151 -1.20 16.88 -3.08
N ASP B 152 -2.29 16.53 -3.75
CA ASP B 152 -3.66 16.65 -3.29
C ASP B 152 -3.95 15.52 -2.32
N ALA B 153 -4.03 15.89 -1.06
CA ALA B 153 -4.26 15.05 0.08
C ALA B 153 -5.75 14.85 0.37
N THR B 154 -6.61 15.38 -0.48
CA THR B 154 -8.04 15.06 -0.33
C THR B 154 -8.28 13.71 -1.01
N GLN B 155 -7.44 13.25 -1.92
CA GLN B 155 -7.57 11.92 -2.48
C GLN B 155 -7.34 10.91 -1.35
N PRO B 156 -7.83 9.69 -1.49
CA PRO B 156 -7.59 8.58 -0.58
C PRO B 156 -6.10 8.24 -0.58
N PRO B 157 -5.60 7.60 0.46
CA PRO B 157 -4.20 7.40 0.63
C PRO B 157 -3.51 6.63 -0.45
N ALA B 158 -4.15 5.55 -0.88
CA ALA B 158 -3.55 4.69 -1.90
C ALA B 158 -3.46 5.44 -3.22
N ALA B 159 -4.31 6.42 -3.48
CA ALA B 159 -4.18 7.21 -4.70
C ALA B 159 -3.04 8.24 -4.55
N ILE B 160 -2.91 8.82 -3.36
CA ILE B 160 -1.84 9.75 -3.11
C ILE B 160 -0.54 8.98 -3.34
N VAL B 161 -0.39 7.80 -2.76
CA VAL B 161 0.79 6.99 -3.01
C VAL B 161 1.07 6.74 -4.48
N CYS B 162 0.09 6.31 -5.24
CA CYS B 162 0.24 6.12 -6.68
C CYS B 162 0.69 7.39 -7.39
N GLU B 163 0.12 8.53 -7.06
CA GLU B 163 0.50 9.79 -7.68
C GLU B 163 1.95 10.11 -7.34
N LEU B 164 2.26 9.91 -6.05
CA LEU B 164 3.61 10.26 -5.60
C LEU B 164 4.62 9.35 -6.24
N MET B 165 4.32 8.07 -6.41
CA MET B 165 5.26 7.18 -7.09
C MET B 165 5.50 7.57 -8.53
N GLN B 166 4.46 7.95 -9.24
CA GLN B 166 4.65 8.52 -10.58
C GLN B 166 5.39 9.85 -10.59
N THR B 167 4.99 10.89 -9.84
CA THR B 167 5.73 12.15 -9.92
C THR B 167 7.14 12.02 -9.34
N MET B 168 7.40 11.31 -8.27
CA MET B 168 8.69 11.13 -7.67
C MET B 168 9.54 10.10 -8.37
N ARG B 169 9.02 9.34 -9.33
CA ARG B 169 9.74 8.26 -10.01
C ARG B 169 10.35 7.25 -9.06
N LEU B 170 9.37 6.76 -8.22
CA LEU B 170 9.78 5.69 -7.30
C LEU B 170 8.95 4.43 -7.56
N PRO B 171 9.49 3.23 -7.34
CA PRO B 171 10.76 2.92 -6.71
C PRO B 171 11.85 3.04 -7.72
N ALA B 172 11.45 3.25 -9.00
CA ALA B 172 12.41 3.35 -10.09
C ALA B 172 13.86 3.69 -9.76
MG MG C . -9.40 -12.56 -21.64
MG MG D . -18.60 -11.00 -13.26
MG MG E . 8.31 24.02 -3.44
MG MG F . 0.90 12.65 12.67
PB ADP G . -1.66 14.03 10.27
O1B ADP G . -1.42 15.00 9.17
O2B ADP G . -0.39 13.11 10.66
O3B ADP G . -2.11 14.75 11.50
PA ADP G . -3.18 11.59 10.24
O1A ADP G . -2.67 11.38 11.63
O2A ADP G . -2.64 10.53 9.37
O3A ADP G . -2.75 13.03 9.81
O5' ADP G . -4.78 11.64 10.16
C5' ADP G . -5.59 12.70 9.64
C4' ADP G . -7.02 12.19 9.54
O4' ADP G . -7.43 12.17 8.15
C3' ADP G . -7.26 10.77 10.04
O3' ADP G . -8.62 10.62 10.47
C2' ADP G . -7.04 9.90 8.82
O2' ADP G . -7.58 8.58 9.00
C1' ADP G . -7.64 10.80 7.74
N9 ADP G . -7.00 10.60 6.41
C8 ADP G . -5.68 10.66 6.23
N7 ADP G . -5.44 10.73 4.92
C5 ADP G . -6.57 10.68 4.25
C6 ADP G . -6.92 10.71 2.92
N6 ADP G . -5.94 10.79 2.01
N1 ADP G . -8.22 10.67 2.55
C2 ADP G . -9.18 10.57 3.48
N3 ADP G . -8.86 10.55 4.77
C4 ADP G . -7.59 10.60 5.22
#